data_4DT5
#
_entry.id   4DT5
#
_cell.length_a   46.460
_cell.length_b   46.460
_cell.length_c   193.210
_cell.angle_alpha   90.00
_cell.angle_beta   90.00
_cell.angle_gamma   120.00
#
_symmetry.space_group_name_H-M   'P 31 2 1'
#
loop_
_entity.id
_entity.type
_entity.pdbx_description
1 polymer 'Antifreeze protein'
2 non-polymer 'SULFATE ION'
3 non-polymer GLYCEROL
4 water water
#
_entity_poly.entity_id   1
_entity_poly.type   'polypeptide(L)'
_entity_poly.pdbx_seq_one_letter_code
;GYSCRAVGVDGRAVTDIQGTCHAKATGAGAMASGTSEPGSTSTATATGRGATARSTSTGRGTATTTATGTASATSNAIGQ
GTATTTATGSAGGRATGSATTSSSASQPTQTQTITGPGFQTAKSFARNTATTTVTASHHHHHH
;
_entity_poly.pdbx_strand_id   A,B
#
# COMPACT_ATOMS: atom_id res chain seq x y z
N GLY A 1 -21.80 -15.32 4.96
CA GLY A 1 -20.73 -14.52 4.31
C GLY A 1 -21.23 -13.63 3.19
N TYR A 2 -20.33 -12.76 2.77
CA TYR A 2 -20.56 -11.81 1.70
C TYR A 2 -19.54 -12.07 0.61
N SER A 3 -19.94 -11.77 -0.61
CA SER A 3 -19.02 -11.72 -1.74
CA SER A 3 -19.07 -11.77 -1.79
C SER A 3 -19.36 -10.49 -2.57
N CYS A 4 -18.36 -10.01 -3.29
CA CYS A 4 -18.53 -8.80 -4.07
C CYS A 4 -17.56 -8.85 -5.26
N ARG A 5 -17.94 -8.21 -6.36
CA ARG A 5 -17.03 -8.11 -7.53
C ARG A 5 -17.43 -6.94 -8.40
N ALA A 6 -16.42 -6.46 -9.13
CA ALA A 6 -16.60 -5.37 -10.08
C ALA A 6 -15.70 -5.65 -11.28
N VAL A 7 -16.30 -5.67 -12.46
CA VAL A 7 -15.60 -5.75 -13.75
C VAL A 7 -15.34 -4.34 -14.27
N GLY A 8 -14.09 -4.01 -14.51
CA GLY A 8 -13.77 -2.68 -14.98
C GLY A 8 -14.23 -2.43 -16.43
N VAL A 9 -14.59 -1.17 -16.65
CA VAL A 9 -15.06 -0.62 -17.91
C VAL A 9 -14.31 0.71 -18.13
N ASP A 10 -13.91 1.02 -19.38
CA ASP A 10 -13.22 2.28 -19.66
C ASP A 10 -14.14 3.46 -19.33
N GLY A 11 -13.55 4.48 -18.73
CA GLY A 11 -14.18 5.76 -18.58
C GLY A 11 -15.13 5.90 -17.42
N ARG A 12 -15.20 4.92 -16.52
CA ARG A 12 -16.04 4.97 -15.33
C ARG A 12 -15.44 4.09 -14.26
N ALA A 13 -15.97 4.24 -13.03
CA ALA A 13 -15.79 3.28 -11.97
C ALA A 13 -17.05 2.42 -11.87
N VAL A 14 -16.89 1.19 -11.45
CA VAL A 14 -17.96 0.24 -11.11
C VAL A 14 -17.69 -0.18 -9.67
N THR A 15 -18.71 -0.09 -8.83
CA THR A 15 -18.61 -0.44 -7.41
C THR A 15 -19.65 -1.47 -7.07
N ASP A 16 -19.27 -2.41 -6.22
CA ASP A 16 -20.18 -3.39 -5.65
C ASP A 16 -19.87 -3.53 -4.17
N ILE A 17 -20.86 -3.19 -3.35
CA ILE A 17 -20.78 -3.28 -1.90
C ILE A 17 -21.81 -4.28 -1.42
N GLN A 18 -21.36 -5.34 -0.75
CA GLN A 18 -22.24 -6.30 -0.14
C GLN A 18 -21.75 -6.51 1.29
N GLY A 19 -22.51 -6.00 2.26
CA GLY A 19 -22.09 -6.08 3.64
C GLY A 19 -20.73 -5.45 3.82
N THR A 20 -19.80 -6.21 4.37
CA THR A 20 -18.45 -5.77 4.68
C THR A 20 -17.47 -6.02 3.52
N CYS A 21 -17.98 -6.33 2.34
CA CYS A 21 -17.19 -6.59 1.12
C CYS A 21 -17.39 -5.43 0.15
N HIS A 22 -16.29 -4.78 -0.20
CA HIS A 22 -16.30 -3.63 -1.07
C HIS A 22 -15.36 -3.89 -2.25
N ALA A 23 -15.90 -3.89 -3.47
CA ALA A 23 -15.11 -4.06 -4.71
C ALA A 23 -15.32 -2.86 -5.62
N LYS A 24 -14.25 -2.40 -6.22
CA LYS A 24 -14.32 -1.27 -7.15
C LYS A 24 -13.34 -1.49 -8.26
N ALA A 25 -13.76 -1.30 -9.50
CA ALA A 25 -12.88 -1.46 -10.68
C ALA A 25 -13.08 -0.30 -11.65
N THR A 26 -11.98 0.15 -12.25
CA THR A 26 -11.98 1.22 -13.25
C THR A 26 -11.11 0.77 -14.41
N GLY A 27 -11.66 0.78 -15.62
CA GLY A 27 -10.89 0.47 -16.82
C GLY A 27 -11.11 -0.94 -17.32
N ALA A 28 -11.31 -1.06 -18.62
CA ALA A 28 -11.40 -2.39 -19.25
C ALA A 28 -10.12 -3.19 -18.97
N GLY A 29 -10.30 -4.44 -18.62
CA GLY A 29 -9.16 -5.30 -18.24
C GLY A 29 -8.90 -5.32 -16.76
N ALA A 30 -9.60 -4.50 -15.95
CA ALA A 30 -9.49 -4.52 -14.48
C ALA A 30 -10.54 -5.43 -13.87
N MET A 31 -10.18 -6.05 -12.75
CA MET A 31 -11.07 -6.96 -12.05
C MET A 31 -10.84 -6.81 -10.55
N ALA A 32 -11.89 -6.59 -9.77
CA ALA A 32 -11.78 -6.54 -8.31
C ALA A 32 -12.83 -7.45 -7.72
N SER A 33 -12.45 -8.18 -6.66
CA SER A 33 -13.43 -9.05 -5.98
C SER A 33 -13.00 -9.36 -4.57
N GLY A 34 -13.95 -9.88 -3.81
CA GLY A 34 -13.64 -10.30 -2.48
C GLY A 34 -14.68 -11.15 -1.84
N THR A 35 -14.33 -11.66 -0.66
CA THR A 35 -15.26 -12.34 0.22
C THR A 35 -14.96 -11.90 1.64
N SER A 36 -15.99 -11.88 2.47
CA SER A 36 -15.86 -11.44 3.86
C SER A 36 -17.00 -12.04 4.70
N GLU A 37 -16.94 -11.75 6.00
CA GLU A 37 -17.91 -12.22 6.99
C GLU A 37 -18.35 -10.99 7.80
N PRO A 38 -19.43 -11.14 8.57
CA PRO A 38 -19.90 -9.96 9.30
C PRO A 38 -18.90 -9.24 10.20
N GLY A 39 -17.99 -9.96 10.82
CA GLY A 39 -16.99 -9.35 11.69
C GLY A 39 -15.69 -8.93 11.01
N SER A 40 -15.57 -9.19 9.72
CA SER A 40 -14.35 -8.95 8.94
C SER A 40 -14.64 -7.88 7.91
N THR A 41 -13.59 -7.44 7.21
CA THR A 41 -13.71 -6.43 6.17
C THR A 41 -12.82 -6.82 5.02
N SER A 42 -13.37 -6.78 3.80
CA SER A 42 -12.58 -6.95 2.56
C SER A 42 -12.81 -5.78 1.63
N THR A 43 -11.73 -5.19 1.15
CA THR A 43 -11.80 -4.07 0.21
C THR A 43 -10.83 -4.37 -0.92
N ALA A 44 -11.32 -4.30 -2.16
CA ALA A 44 -10.50 -4.59 -3.34
C ALA A 44 -10.75 -3.50 -4.37
N THR A 45 -9.69 -2.86 -4.85
CA THR A 45 -9.77 -1.81 -5.87
C THR A 45 -8.77 -2.09 -6.98
N ALA A 46 -9.24 -2.12 -8.22
CA ALA A 46 -8.43 -2.38 -9.42
C ALA A 46 -8.62 -1.25 -10.41
N THR A 47 -7.53 -0.75 -10.98
CA THR A 47 -7.57 0.33 -11.93
C THR A 47 -6.63 0.04 -13.08
N GLY A 48 -7.16 0.00 -14.31
CA GLY A 48 -6.39 -0.11 -15.51
C GLY A 48 -6.31 -1.51 -16.06
N ARG A 49 -5.90 -1.58 -17.34
CA ARG A 49 -5.78 -2.85 -18.02
C ARG A 49 -4.75 -3.75 -17.32
N GLY A 50 -5.14 -4.99 -17.02
CA GLY A 50 -4.26 -5.93 -16.39
C GLY A 50 -4.23 -5.87 -14.88
N ALA A 51 -5.11 -5.07 -14.28
CA ALA A 51 -5.16 -4.95 -12.81
C ALA A 51 -6.13 -5.95 -12.19
N THR A 52 -5.65 -6.72 -11.22
CA THR A 52 -6.52 -7.65 -10.49
C THR A 52 -6.31 -7.45 -9.00
N ALA A 53 -7.40 -7.22 -8.28
CA ALA A 53 -7.39 -7.09 -6.83
C ALA A 53 -8.34 -8.12 -6.22
N ARG A 54 -7.85 -8.85 -5.23
CA ARG A 54 -8.63 -9.91 -4.60
C ARG A 54 -8.41 -9.85 -3.09
N SER A 55 -9.48 -9.68 -2.31
CA SER A 55 -9.40 -9.64 -0.86
C SER A 55 -10.34 -10.66 -0.25
N THR A 56 -9.77 -11.52 0.60
CA THR A 56 -10.55 -12.49 1.37
C THR A 56 -10.32 -12.27 2.87
N SER A 57 -11.39 -12.35 3.66
CA SER A 57 -11.26 -12.18 5.10
C SER A 57 -12.30 -13.01 5.80
N THR A 58 -11.92 -13.46 6.99
CA THR A 58 -12.80 -14.18 7.86
C THR A 58 -12.54 -13.76 9.32
N GLY A 59 -13.47 -14.10 10.21
CA GLY A 59 -13.31 -13.82 11.62
C GLY A 59 -13.33 -12.31 11.84
N ARG A 60 -12.25 -11.73 12.38
CA ARG A 60 -12.09 -10.29 12.53
C ARG A 60 -10.94 -9.76 11.67
N GLY A 61 -10.63 -10.42 10.57
CA GLY A 61 -9.59 -9.95 9.68
C GLY A 61 -10.03 -8.77 8.82
N THR A 62 -9.04 -7.98 8.42
CA THR A 62 -9.21 -6.88 7.46
C THR A 62 -8.25 -7.10 6.31
N ALA A 63 -8.79 -7.29 5.11
CA ALA A 63 -8.02 -7.53 3.89
C ALA A 63 -8.24 -6.40 2.90
N THR A 64 -7.17 -5.78 2.45
CA THR A 64 -7.24 -4.66 1.51
C THR A 64 -6.27 -4.90 0.38
N THR A 65 -6.76 -4.75 -0.86
CA THR A 65 -5.94 -4.86 -2.05
C THR A 65 -6.18 -3.67 -2.96
N THR A 66 -5.09 -3.16 -3.52
CA THR A 66 -5.16 -2.10 -4.51
C THR A 66 -4.18 -2.46 -5.62
N ALA A 67 -4.70 -2.65 -6.84
CA ALA A 67 -3.91 -3.01 -8.04
C ALA A 67 -4.11 -1.91 -9.07
N THR A 68 -3.02 -1.33 -9.54
CA THR A 68 -3.07 -0.27 -10.50
C THR A 68 -2.14 -0.60 -11.66
N GLY A 69 -2.64 -0.58 -12.90
CA GLY A 69 -1.87 -0.98 -14.05
C GLY A 69 -1.77 -2.49 -14.17
N THR A 70 -0.66 -2.92 -14.75
CA THR A 70 -0.40 -4.34 -14.93
C THR A 70 0.12 -4.91 -13.62
N ALA A 71 -0.81 -5.33 -12.78
CA ALA A 71 -0.53 -5.59 -11.38
C ALA A 71 -1.59 -6.51 -10.78
N SER A 72 -1.13 -7.42 -9.92
CA SER A 72 -2.02 -8.31 -9.19
CA SER A 72 -2.02 -8.33 -9.18
C SER A 72 -1.74 -8.20 -7.71
N ALA A 73 -2.82 -8.02 -6.93
CA ALA A 73 -2.75 -7.88 -5.47
C ALA A 73 -3.77 -8.83 -4.83
N THR A 74 -3.30 -9.70 -3.92
CA THR A 74 -4.15 -10.64 -3.18
C THR A 74 -3.86 -10.54 -1.70
N SER A 75 -4.90 -10.28 -0.91
CA SER A 75 -4.76 -10.22 0.54
C SER A 75 -5.77 -11.17 1.18
N ASN A 76 -5.29 -11.92 2.18
CA ASN A 76 -6.09 -12.89 2.91
C ASN A 76 -5.92 -12.66 4.38
N ALA A 77 -6.97 -12.22 5.06
CA ALA A 77 -6.90 -11.99 6.51
C ALA A 77 -7.73 -13.06 7.16
N ILE A 78 -7.09 -14.16 7.56
CA ILE A 78 -7.80 -15.39 7.84
C ILE A 78 -7.93 -15.53 9.35
N GLY A 79 -9.08 -15.12 9.87
CA GLY A 79 -9.42 -15.18 11.29
C GLY A 79 -9.11 -13.89 12.05
N GLN A 80 -7.99 -13.28 11.77
CA GLN A 80 -7.54 -12.09 12.45
C GLN A 80 -6.52 -11.38 11.57
N GLY A 81 -6.15 -10.17 11.98
CA GLY A 81 -5.06 -9.44 11.40
C GLY A 81 -5.46 -8.56 10.24
N THR A 82 -4.50 -7.72 9.86
CA THR A 82 -4.66 -6.76 8.78
C THR A 82 -3.66 -7.09 7.68
N ALA A 83 -4.17 -7.53 6.53
CA ALA A 83 -3.41 -7.96 5.35
C ALA A 83 -3.63 -6.93 4.26
N THR A 84 -2.58 -6.21 3.86
CA THR A 84 -2.72 -5.10 2.92
C THR A 84 -1.71 -5.29 1.82
N THR A 85 -2.16 -5.28 0.55
CA THR A 85 -1.29 -5.44 -0.61
C THR A 85 -1.57 -4.31 -1.58
N THR A 86 -0.52 -3.60 -1.98
CA THR A 86 -0.63 -2.54 -2.98
C THR A 86 0.36 -2.89 -4.08
N ALA A 87 -0.15 -3.11 -5.30
CA ALA A 87 0.67 -3.51 -6.46
C ALA A 87 0.42 -2.49 -7.56
N THR A 88 1.50 -1.94 -8.11
CA THR A 88 1.41 -0.91 -9.15
C THR A 88 2.38 -1.26 -10.25
N GLY A 89 1.88 -1.35 -11.49
CA GLY A 89 2.69 -1.72 -12.65
C GLY A 89 2.50 -0.67 -13.72
N SER A 90 3.59 -0.03 -14.15
CA SER A 90 3.54 1.10 -15.08
C SER A 90 4.48 0.88 -16.26
N ALA A 91 4.09 1.38 -17.43
CA ALA A 91 4.97 1.42 -18.60
C ALA A 91 5.61 0.09 -18.94
N GLY A 92 4.84 -0.98 -18.75
CA GLY A 92 5.27 -2.33 -19.11
C GLY A 92 5.72 -3.16 -17.93
N GLY A 93 5.93 -2.54 -16.77
CA GLY A 93 6.31 -3.28 -15.55
C GLY A 93 5.12 -4.04 -14.97
N ARG A 94 5.37 -5.27 -14.54
CA ARG A 94 4.33 -6.15 -14.04
C ARG A 94 4.64 -6.38 -12.55
N ALA A 95 3.68 -6.10 -11.69
CA ALA A 95 3.84 -6.20 -10.23
C ALA A 95 2.87 -7.25 -9.70
N THR A 96 3.37 -8.20 -8.92
CA THR A 96 2.53 -9.18 -8.24
CA THR A 96 2.50 -9.18 -8.25
C THR A 96 2.83 -9.23 -6.77
N GLY A 97 1.81 -9.14 -5.94
CA GLY A 97 1.98 -9.19 -4.51
C GLY A 97 0.89 -9.92 -3.80
N SER A 98 1.24 -10.42 -2.62
CA SER A 98 0.28 -11.02 -1.71
C SER A 98 0.62 -10.69 -0.28
N ALA A 99 -0.39 -10.70 0.56
CA ALA A 99 -0.23 -10.53 2.01
C ALA A 99 -1.27 -11.43 2.70
N THR A 100 -0.83 -12.17 3.71
CA THR A 100 -1.72 -13.06 4.45
C THR A 100 -1.51 -12.90 5.95
N THR A 101 -2.60 -12.83 6.70
CA THR A 101 -2.54 -12.91 8.15
C THR A 101 -3.27 -14.16 8.65
N SER A 102 -2.71 -14.71 9.73
CA SER A 102 -3.26 -15.89 10.43
C SER A 102 -2.63 -15.92 11.82
N SER A 103 -3.38 -16.33 12.84
CA SER A 103 -2.82 -16.51 14.18
C SER A 103 -1.61 -17.44 14.21
N SER A 104 -1.54 -18.32 13.21
CA SER A 104 -0.46 -19.32 13.13
C SER A 104 0.86 -18.85 12.53
N ALA A 105 0.92 -17.62 12.02
CA ALA A 105 2.09 -17.17 11.31
C ALA A 105 3.30 -17.00 12.23
N SER A 106 4.48 -16.98 11.61
CA SER A 106 5.76 -16.93 12.32
C SER A 106 6.02 -15.62 13.05
N GLN A 107 5.73 -14.50 12.40
CA GLN A 107 6.03 -13.16 12.92
C GLN A 107 4.74 -12.42 13.21
N PRO A 108 4.77 -11.49 14.18
CA PRO A 108 3.55 -10.70 14.44
C PRO A 108 3.29 -9.65 13.35
N THR A 109 4.37 -9.09 12.80
CA THR A 109 4.33 -8.04 11.79
C THR A 109 5.36 -8.38 10.73
N GLN A 110 5.01 -8.24 9.46
CA GLN A 110 5.96 -8.41 8.38
C GLN A 110 5.59 -7.45 7.28
N THR A 111 6.59 -6.73 6.82
CA THR A 111 6.44 -5.68 5.83
C THR A 111 7.44 -5.97 4.73
N GLN A 112 6.95 -6.06 3.48
CA GLN A 112 7.82 -6.26 2.34
C GLN A 112 7.51 -5.20 1.30
N THR A 113 8.52 -4.46 0.92
CA THR A 113 8.43 -3.37 -0.05
C THR A 113 9.46 -3.59 -1.14
N ILE A 114 9.00 -3.83 -2.36
CA ILE A 114 9.86 -4.16 -3.49
C ILE A 114 9.53 -3.19 -4.62
N THR A 115 10.56 -2.54 -5.12
CA THR A 115 10.42 -1.50 -6.14
C THR A 115 11.51 -1.71 -7.17
N GLY A 116 11.13 -1.80 -8.44
CA GLY A 116 12.14 -1.92 -9.49
C GLY A 116 11.55 -2.03 -10.87
N PRO A 117 12.40 -2.34 -11.85
CA PRO A 117 11.99 -2.39 -13.24
C PRO A 117 11.42 -3.75 -13.61
N GLY A 118 10.60 -3.77 -14.64
CA GLY A 118 10.08 -5.01 -15.16
C GLY A 118 9.29 -5.80 -14.16
N PHE A 119 9.36 -7.12 -14.26
CA PHE A 119 8.56 -7.99 -13.40
C PHE A 119 9.09 -7.93 -11.97
N GLN A 120 8.22 -7.65 -11.01
CA GLN A 120 8.56 -7.57 -9.59
C GLN A 120 7.50 -8.31 -8.79
N THR A 121 7.95 -9.01 -7.76
CA THR A 121 7.07 -9.77 -6.89
C THR A 121 7.42 -9.62 -5.43
N ALA A 122 6.41 -9.69 -4.57
CA ALA A 122 6.60 -9.57 -3.13
C ALA A 122 5.49 -10.30 -2.38
N LYS A 123 5.82 -10.74 -1.18
CA LYS A 123 4.88 -11.45 -0.34
C LYS A 123 5.14 -11.18 1.13
N SER A 124 4.10 -11.22 1.94
CA SER A 124 4.25 -11.12 3.38
C SER A 124 3.24 -12.04 4.08
N PHE A 125 3.59 -12.40 5.31
CA PHE A 125 2.82 -13.32 6.15
C PHE A 125 3.04 -12.90 7.58
N ALA A 126 1.97 -12.76 8.35
CA ALA A 126 2.12 -12.32 9.74
C ALA A 126 0.89 -12.67 10.54
N ARG A 127 0.99 -12.59 11.87
CA ARG A 127 -0.16 -12.81 12.72
C ARG A 127 -1.10 -11.63 12.73
N ASN A 128 -0.54 -10.42 12.80
CA ASN A 128 -1.32 -9.23 13.04
C ASN A 128 -1.28 -8.22 11.93
N THR A 129 -0.12 -8.00 11.32
CA THR A 129 -0.03 -6.97 10.27
C THR A 129 0.94 -7.41 9.20
N ALA A 130 0.40 -7.78 8.03
CA ALA A 130 1.18 -8.19 6.84
C ALA A 130 0.95 -7.14 5.76
N THR A 131 2.01 -6.40 5.40
CA THR A 131 1.90 -5.32 4.44
C THR A 131 2.87 -5.56 3.31
N THR A 132 2.34 -5.67 2.09
CA THR A 132 3.14 -5.90 0.89
C THR A 132 2.92 -4.72 -0.06
N THR A 133 4.01 -4.13 -0.53
CA THR A 133 3.92 -3.04 -1.50
C THR A 133 4.91 -3.36 -2.60
N VAL A 134 4.43 -3.51 -3.84
CA VAL A 134 5.27 -3.87 -4.98
C VAL A 134 4.97 -2.91 -6.11
N THR A 135 6.05 -2.29 -6.59
CA THR A 135 5.96 -1.26 -7.59
C THR A 135 6.94 -1.58 -8.72
N ALA A 136 6.41 -1.80 -9.93
CA ALA A 136 7.17 -2.19 -11.12
C ALA A 136 7.01 -1.13 -12.18
N SER A 137 8.10 -0.70 -12.78
CA SER A 137 8.05 0.34 -13.83
C SER A 137 8.96 -0.02 -14.99
N HIS A 138 8.49 0.16 -16.21
CA HIS A 138 9.29 -0.10 -17.40
C HIS A 138 9.72 -1.59 -17.43
N HIS A 139 10.77 -1.92 -18.14
CA HIS A 139 11.27 -3.28 -18.24
C HIS A 139 12.64 -3.44 -17.60
N HIS A 140 13.00 -4.67 -17.25
CA HIS A 140 14.36 -4.97 -16.79
C HIS A 140 15.28 -4.62 -17.93
N HIS A 141 16.40 -3.97 -17.61
CA HIS A 141 17.39 -3.68 -18.61
C HIS A 141 17.98 -4.98 -19.13
N HIS A 142 18.29 -4.95 -20.42
CA HIS A 142 18.95 -6.07 -21.07
C HIS A 142 20.44 -5.83 -21.04
N HIS A 143 21.18 -6.90 -20.82
CA HIS A 143 22.63 -6.84 -20.65
C HIS A 143 23.38 -7.56 -21.73
N GLY B 1 11.72 6.12 22.56
CA GLY B 1 11.41 6.03 21.12
C GLY B 1 12.59 5.85 20.22
N TYR B 2 12.28 5.65 18.94
CA TYR B 2 13.26 5.48 17.89
C TYR B 2 12.98 6.47 16.78
N SER B 3 14.03 6.88 16.09
CA SER B 3 13.90 7.66 14.86
C SER B 3 14.87 7.10 13.84
N CYS B 4 14.52 7.22 12.58
CA CYS B 4 15.34 6.70 11.50
C CYS B 4 15.23 7.62 10.29
N ARG B 5 16.30 7.65 9.49
CA ARG B 5 16.29 8.48 8.27
C ARG B 5 17.33 7.96 7.31
N ALA B 6 16.94 7.89 6.05
CA ALA B 6 17.83 7.49 4.93
C ALA B 6 17.70 8.54 3.85
N VAL B 7 18.82 9.19 3.54
CA VAL B 7 18.90 10.16 2.46
C VAL B 7 19.62 9.52 1.29
N GLY B 8 18.91 9.40 0.18
CA GLY B 8 19.39 8.65 -0.98
C GLY B 8 20.56 9.32 -1.70
N VAL B 9 21.35 8.47 -2.33
CA VAL B 9 22.46 8.87 -3.18
C VAL B 9 22.37 8.05 -4.46
N ASP B 10 23.08 8.48 -5.48
CA ASP B 10 23.21 7.64 -6.64
C ASP B 10 24.22 6.50 -6.42
N GLY B 11 23.86 5.32 -6.89
CA GLY B 11 24.78 4.18 -6.97
C GLY B 11 24.74 3.13 -5.87
N ARG B 12 23.92 3.35 -4.84
CA ARG B 12 23.65 2.34 -3.80
C ARG B 12 22.41 2.77 -3.02
N ALA B 13 21.72 1.80 -2.43
CA ALA B 13 20.61 2.08 -1.50
C ALA B 13 21.20 2.49 -0.16
N VAL B 14 20.50 3.35 0.57
CA VAL B 14 20.86 3.74 1.91
C VAL B 14 19.75 3.23 2.85
N THR B 15 20.14 2.50 3.91
CA THR B 15 19.23 1.93 4.87
C THR B 15 19.60 2.39 6.26
N ASP B 16 18.61 2.73 7.05
CA ASP B 16 18.78 3.08 8.45
C ASP B 16 17.72 2.34 9.28
N ILE B 17 18.16 1.40 10.10
CA ILE B 17 17.27 0.65 10.98
C ILE B 17 17.60 1.01 12.41
N GLN B 18 16.62 1.50 13.14
CA GLN B 18 16.79 1.87 14.53
C GLN B 18 15.62 1.30 15.28
N GLY B 19 15.85 0.24 16.04
CA GLY B 19 14.75 -0.40 16.74
C GLY B 19 13.65 -0.82 15.76
N THR B 20 12.44 -0.34 16.02
CA THR B 20 11.28 -0.67 15.22
C THR B 20 11.02 0.33 14.07
N CYS B 21 11.99 1.16 13.77
CA CYS B 21 11.96 2.15 12.71
C CYS B 21 12.91 1.74 11.58
N HIS B 22 12.35 1.56 10.39
CA HIS B 22 13.13 1.10 9.23
C HIS B 22 12.95 2.09 8.08
N ALA B 23 14.02 2.71 7.63
CA ALA B 23 14.01 3.66 6.54
C ALA B 23 14.97 3.21 5.43
N LYS B 24 14.54 3.34 4.18
CA LYS B 24 15.38 3.00 3.01
C LYS B 24 15.14 3.98 1.88
N ALA B 25 16.22 4.49 1.31
CA ALA B 25 16.11 5.44 0.20
C ALA B 25 17.10 5.02 -0.88
N THR B 26 16.62 5.05 -2.13
CA THR B 26 17.43 4.69 -3.30
C THR B 26 17.35 5.85 -4.28
N GLY B 27 18.49 6.47 -4.54
CA GLY B 27 18.63 7.56 -5.51
C GLY B 27 18.80 8.92 -4.91
N ALA B 28 19.67 9.73 -5.54
CA ALA B 28 19.81 11.14 -5.16
C ALA B 28 18.43 11.81 -5.31
N GLY B 29 18.05 12.55 -4.29
CA GLY B 29 16.77 13.20 -4.23
C GLY B 29 15.66 12.42 -3.59
N ALA B 30 15.95 11.20 -3.16
CA ALA B 30 15.01 10.40 -2.37
C ALA B 30 15.28 10.53 -0.87
N MET B 31 14.24 10.49 -0.03
CA MET B 31 14.41 10.51 1.41
CA MET B 31 14.45 10.50 1.40
C MET B 31 13.30 9.75 2.07
N ALA B 32 13.67 8.93 3.03
CA ALA B 32 12.75 8.17 3.85
C ALA B 32 13.06 8.42 5.32
N SER B 33 12.03 8.57 6.14
CA SER B 33 12.26 8.76 7.58
C SER B 33 11.10 8.29 8.38
N GLY B 34 11.33 8.18 9.66
CA GLY B 34 10.24 7.80 10.56
C GLY B 34 10.58 7.96 12.02
N THR B 35 9.57 7.74 12.84
CA THR B 35 9.71 7.65 14.29
C THR B 35 8.77 6.54 14.76
N SER B 36 9.17 5.85 15.82
CA SER B 36 8.39 4.73 16.33
C SER B 36 8.68 4.57 17.83
N GLU B 37 8.02 3.58 18.42
CA GLU B 37 8.16 3.24 19.84
C GLU B 37 8.31 1.72 19.93
N PRO B 38 8.66 1.20 21.13
CA PRO B 38 8.97 -0.24 21.21
C PRO B 38 7.84 -1.17 20.79
N GLY B 39 6.59 -0.78 21.02
CA GLY B 39 5.41 -1.57 20.64
C GLY B 39 4.84 -1.27 19.26
N SER B 40 5.43 -0.31 18.56
CA SER B 40 4.90 0.13 17.27
C SER B 40 5.91 -0.21 16.18
N THR B 41 5.51 -0.01 14.92
CA THR B 41 6.40 -0.26 13.77
C THR B 41 6.25 0.88 12.79
N SER B 42 7.38 1.41 12.33
CA SER B 42 7.37 2.37 11.21
C SER B 42 8.32 1.90 10.12
N THR B 43 7.85 1.85 8.88
CA THR B 43 8.65 1.46 7.71
C THR B 43 8.43 2.54 6.63
N ALA B 44 9.53 3.07 6.09
CA ALA B 44 9.44 4.12 5.07
C ALA B 44 10.43 3.79 3.99
N THR B 45 9.98 3.78 2.74
CA THR B 45 10.80 3.49 1.57
C THR B 45 10.57 4.54 0.49
N ALA B 46 11.66 5.12 -0.02
CA ALA B 46 11.62 6.12 -1.07
C ALA B 46 12.58 5.71 -2.19
N THR B 47 12.12 5.82 -3.42
CA THR B 47 12.93 5.46 -4.59
C THR B 47 12.78 6.54 -5.65
N GLY B 48 13.91 7.11 -6.08
CA GLY B 48 13.95 8.07 -7.17
C GLY B 48 13.96 9.52 -6.74
N ARG B 49 14.47 10.38 -7.61
CA ARG B 49 14.50 11.80 -7.34
C ARG B 49 13.08 12.35 -7.13
N GLY B 50 12.91 13.04 -5.99
CA GLY B 50 11.65 13.65 -5.66
C GLY B 50 10.74 12.80 -4.82
N ALA B 51 11.22 11.65 -4.38
CA ALA B 51 10.42 10.72 -3.56
C ALA B 51 10.69 10.98 -2.07
N THR B 52 9.60 11.19 -1.31
CA THR B 52 9.72 11.36 0.15
CA THR B 52 9.70 11.38 0.16
C THR B 52 8.70 10.49 0.86
N ALA B 53 9.18 9.72 1.81
CA ALA B 53 8.34 8.79 2.60
C ALA B 53 8.55 9.09 4.08
N ARG B 54 7.48 9.26 4.84
CA ARG B 54 7.56 9.57 6.28
C ARG B 54 6.55 8.77 7.05
N SER B 55 7.05 7.92 7.97
CA SER B 55 6.17 7.04 8.77
C SER B 55 6.31 7.35 10.27
N THR B 56 5.23 7.70 10.94
CA THR B 56 5.24 8.00 12.37
C THR B 56 4.26 7.03 13.02
N SER B 57 4.72 6.38 14.06
CA SER B 57 3.87 5.48 14.82
C SER B 57 4.13 5.62 16.32
N THR B 58 3.09 5.40 17.13
CA THR B 58 3.20 5.36 18.57
C THR B 58 2.30 4.23 19.07
N GLY B 59 2.51 3.85 20.33
CA GLY B 59 1.67 2.86 20.97
C GLY B 59 1.87 1.52 20.31
N ARG B 60 0.81 0.97 19.72
CA ARG B 60 0.87 -0.27 18.98
C ARG B 60 0.60 -0.08 17.48
N GLY B 61 0.69 1.16 16.98
CA GLY B 61 0.45 1.42 15.58
C GLY B 61 1.48 0.86 14.66
N THR B 62 1.07 0.64 13.40
CA THR B 62 1.97 0.29 12.30
C THR B 62 1.77 1.33 11.19
N ALA B 63 2.87 2.01 10.84
CA ALA B 63 2.83 3.01 9.77
C ALA B 63 3.80 2.61 8.67
N THR B 64 3.31 2.48 7.45
CA THR B 64 4.11 2.10 6.30
C THR B 64 3.93 3.14 5.20
N THR B 65 5.04 3.58 4.61
CA THR B 65 5.00 4.50 3.47
C THR B 65 5.92 4.00 2.38
N THR B 66 5.49 4.16 1.14
CA THR B 66 6.31 3.88 -0.04
C THR B 66 6.07 5.02 -1.01
N ALA B 67 7.14 5.67 -1.43
CA ALA B 67 7.10 6.77 -2.43
C ALA B 67 8.08 6.43 -3.54
N THR B 68 7.60 6.48 -4.78
CA THR B 68 8.39 6.17 -5.96
C THR B 68 8.22 7.28 -6.97
N GLY B 69 9.33 7.84 -7.42
CA GLY B 69 9.29 8.95 -8.35
C GLY B 69 8.94 10.28 -7.69
N THR B 70 8.16 11.10 -8.42
CA THR B 70 7.77 12.43 -7.90
C THR B 70 6.55 12.23 -7.01
N ALA B 71 6.81 11.99 -5.72
CA ALA B 71 5.81 11.42 -4.85
C ALA B 71 6.13 11.67 -3.38
N SER B 72 5.07 11.91 -2.62
CA SER B 72 5.16 12.03 -1.18
CA SER B 72 5.15 12.03 -1.15
C SER B 72 4.14 11.12 -0.52
N ALA B 73 4.60 10.31 0.44
CA ALA B 73 3.72 9.40 1.18
C ALA B 73 3.99 9.62 2.67
N THR B 74 2.92 9.83 3.42
CA THR B 74 2.99 10.06 4.84
C THR B 74 1.96 9.21 5.56
N SER B 75 2.43 8.43 6.53
CA SER B 75 1.53 7.58 7.35
C SER B 75 1.75 7.86 8.81
N ASN B 76 0.64 8.04 9.54
CA ASN B 76 0.67 8.30 10.98
C ASN B 76 -0.26 7.32 11.66
N ALA B 77 0.32 6.36 12.39
CA ALA B 77 -0.47 5.35 13.13
C ALA B 77 -0.30 5.67 14.61
N ILE B 78 -1.26 6.48 15.12
CA ILE B 78 -1.08 7.11 16.41
C ILE B 78 -1.85 6.32 17.46
N GLY B 79 -1.11 5.63 18.32
CA GLY B 79 -1.65 4.82 19.40
C GLY B 79 -2.04 3.40 18.98
N GLN B 80 -2.65 3.28 17.80
CA GLN B 80 -3.20 2.03 17.31
C GLN B 80 -3.35 2.12 15.81
N GLY B 81 -3.65 0.96 15.24
CA GLY B 81 -4.09 0.87 13.87
C GLY B 81 -2.96 0.68 12.88
N THR B 82 -3.34 0.43 11.64
CA THR B 82 -2.43 0.24 10.52
C THR B 82 -2.69 1.32 9.49
N ALA B 83 -1.69 2.16 9.26
CA ALA B 83 -1.78 3.27 8.31
C ALA B 83 -0.75 3.01 7.19
N THR B 84 -1.25 2.82 5.96
CA THR B 84 -0.39 2.45 4.81
C THR B 84 -0.63 3.43 3.69
N THR B 85 0.46 4.02 3.16
CA THR B 85 0.37 4.93 2.03
C THR B 85 1.39 4.57 0.96
N THR B 86 0.92 4.49 -0.28
CA THR B 86 1.75 4.26 -1.44
C THR B 86 1.50 5.39 -2.44
N ALA B 87 2.57 6.06 -2.86
CA ALA B 87 2.48 7.20 -3.77
C ALA B 87 3.51 6.98 -4.88
N THR B 88 3.07 6.99 -6.15
CA THR B 88 3.89 6.70 -7.33
C THR B 88 3.65 7.81 -8.35
N GLY B 89 4.71 8.54 -8.69
CA GLY B 89 4.59 9.65 -9.60
C GLY B 89 5.57 9.61 -10.73
N SER B 90 5.04 9.64 -11.95
CA SER B 90 5.88 9.74 -13.14
CA SER B 90 5.86 9.71 -13.14
C SER B 90 6.39 11.16 -13.31
N ALA B 91 7.42 11.33 -14.13
CA ALA B 91 7.94 12.67 -14.39
C ALA B 91 6.84 13.43 -15.16
N GLY B 92 6.57 14.64 -14.68
CA GLY B 92 5.53 15.49 -15.22
C GLY B 92 4.31 15.48 -14.33
N GLY B 93 4.17 14.42 -13.54
CA GLY B 93 3.14 14.26 -12.53
C GLY B 93 3.66 14.41 -11.12
N ARG B 94 2.74 14.33 -10.17
CA ARG B 94 3.11 14.28 -8.76
C ARG B 94 2.01 13.60 -7.97
N ALA B 95 2.39 12.66 -7.12
CA ALA B 95 1.44 11.92 -6.29
C ALA B 95 1.70 12.24 -4.81
N THR B 96 0.68 12.68 -4.11
CA THR B 96 0.79 12.99 -2.69
C THR B 96 -0.29 12.26 -1.93
N GLY B 97 0.11 11.50 -0.94
CA GLY B 97 -0.87 10.76 -0.15
C GLY B 97 -0.56 10.76 1.32
N SER B 98 -1.61 10.56 2.10
CA SER B 98 -1.47 10.34 3.55
C SER B 98 -2.51 9.34 4.03
N ALA B 99 -2.15 8.65 5.11
CA ALA B 99 -3.03 7.71 5.79
C ALA B 99 -2.77 7.89 7.28
N THR B 100 -3.84 7.97 8.05
CA THR B 100 -3.76 8.20 9.50
C THR B 100 -4.74 7.29 10.24
N THR B 101 -4.25 6.68 11.32
CA THR B 101 -5.12 6.00 12.27
C THR B 101 -5.03 6.63 13.64
N SER B 102 -6.18 6.63 14.32
CA SER B 102 -6.33 7.22 15.65
C SER B 102 -7.67 6.78 16.20
N SER B 103 -7.73 6.55 17.50
CA SER B 103 -9.02 6.25 18.17
C SER B 103 -10.05 7.39 18.03
N SER B 104 -9.58 8.59 17.67
CA SER B 104 -10.46 9.75 17.45
C SER B 104 -11.24 9.75 16.15
N ALA B 105 -10.95 8.80 15.25
CA ALA B 105 -11.64 8.73 13.98
C ALA B 105 -13.08 8.20 14.13
N SER B 106 -13.92 8.52 13.15
CA SER B 106 -15.34 8.16 13.16
C SER B 106 -15.67 6.80 12.53
N GLN B 107 -14.80 6.28 11.68
CA GLN B 107 -15.00 5.02 10.95
C GLN B 107 -13.89 4.06 11.39
N PRO B 108 -14.18 2.75 11.46
CA PRO B 108 -13.07 1.82 11.76
C PRO B 108 -12.03 1.62 10.62
N THR B 109 -12.49 1.67 9.38
CA THR B 109 -11.62 1.46 8.22
C THR B 109 -11.94 2.51 7.16
N GLN B 110 -10.91 2.95 6.43
CA GLN B 110 -11.11 3.78 5.24
C GLN B 110 -9.98 3.51 4.23
N THR B 111 -10.38 3.36 2.97
CA THR B 111 -9.46 3.15 1.86
C THR B 111 -9.71 4.22 0.83
N GLN B 112 -8.64 4.86 0.34
CA GLN B 112 -8.73 5.86 -0.71
C GLN B 112 -7.71 5.49 -1.79
N THR B 113 -8.17 5.54 -3.03
CA THR B 113 -7.34 5.25 -4.23
C THR B 113 -7.62 6.29 -5.30
N ILE B 114 -6.59 6.93 -5.84
CA ILE B 114 -6.76 7.91 -6.90
C ILE B 114 -5.66 7.72 -7.92
N THR B 115 -6.03 7.77 -9.18
CA THR B 115 -5.14 7.53 -10.30
C THR B 115 -5.46 8.55 -11.40
N GLY B 116 -4.43 9.21 -11.93
CA GLY B 116 -4.63 10.10 -13.05
C GLY B 116 -3.39 10.87 -13.38
N PRO B 117 -3.44 11.70 -14.41
CA PRO B 117 -2.31 12.50 -14.83
C PRO B 117 -2.09 13.72 -13.95
N GLY B 118 -0.90 14.30 -14.04
CA GLY B 118 -0.63 15.53 -13.35
C GLY B 118 -0.54 15.37 -11.85
N PHE B 119 -1.02 16.37 -11.12
CA PHE B 119 -1.01 16.38 -9.66
CA PHE B 119 -1.01 16.38 -9.66
C PHE B 119 -2.22 15.63 -9.12
N GLN B 120 -1.96 14.64 -8.27
CA GLN B 120 -2.99 13.83 -7.67
C GLN B 120 -2.74 13.73 -6.17
N THR B 121 -3.83 13.73 -5.39
CA THR B 121 -3.73 13.68 -3.93
C THR B 121 -4.87 12.82 -3.37
N ALA B 122 -4.55 12.10 -2.30
CA ALA B 122 -5.57 11.35 -1.56
C ALA B 122 -5.17 11.25 -0.11
N LYS B 123 -6.17 11.13 0.75
CA LYS B 123 -5.96 11.04 2.18
C LYS B 123 -7.01 10.13 2.83
N SER B 124 -6.59 9.35 3.81
CA SER B 124 -7.49 8.46 4.54
C SER B 124 -7.29 8.63 6.04
N PHE B 125 -8.35 8.33 6.77
CA PHE B 125 -8.37 8.47 8.25
C PHE B 125 -9.36 7.49 8.82
N ALA B 126 -8.92 6.70 9.79
CA ALA B 126 -9.77 5.67 10.38
C ALA B 126 -9.25 5.25 11.75
N ARG B 127 -10.04 4.49 12.50
CA ARG B 127 -9.61 4.07 13.82
C ARG B 127 -8.61 2.91 13.75
N ASN B 128 -8.88 1.97 12.85
CA ASN B 128 -8.14 0.71 12.84
C ASN B 128 -7.30 0.51 11.59
N THR B 129 -7.83 0.79 10.40
CA THR B 129 -7.07 0.56 9.13
C THR B 129 -7.38 1.71 8.17
N ALA B 130 -6.33 2.42 7.78
CA ALA B 130 -6.39 3.53 6.79
C ALA B 130 -5.37 3.19 5.72
N THR B 131 -5.86 3.07 4.48
CA THR B 131 -4.99 2.76 3.34
C THR B 131 -5.20 3.78 2.25
N THR B 132 -4.11 4.36 1.77
CA THR B 132 -4.12 5.34 0.68
C THR B 132 -3.18 4.92 -0.42
N THR B 133 -3.66 4.96 -1.66
CA THR B 133 -2.84 4.71 -2.84
C THR B 133 -3.07 5.82 -3.84
N VAL B 134 -1.98 6.46 -4.30
CA VAL B 134 -2.07 7.56 -5.29
C VAL B 134 -1.07 7.32 -6.37
N THR B 135 -1.55 7.27 -7.62
CA THR B 135 -0.71 7.02 -8.78
C THR B 135 -0.93 8.16 -9.78
N ALA B 136 0.13 8.91 -10.05
CA ALA B 136 0.11 10.05 -10.97
C ALA B 136 0.98 9.73 -12.16
N SER B 137 0.43 9.86 -13.34
CA SER B 137 1.16 9.69 -14.60
C SER B 137 1.24 11.05 -15.32
N HIS B 138 1.98 11.07 -16.41
CA HIS B 138 2.05 12.24 -17.28
C HIS B 138 1.96 11.80 -18.75
#